data_6PQ5
# 
_entry.id   6PQ5 
# 
_audit_conform.dict_name       mmcif_pdbx.dic 
_audit_conform.dict_version    5.387 
_audit_conform.dict_location   http://mmcif.pdb.org/dictionaries/ascii/mmcif_pdbx.dic 
# 
loop_
_database_2.database_id 
_database_2.database_code 
_database_2.pdbx_database_accession 
_database_2.pdbx_DOI 
PDB   6PQ5         pdb_00006pq5 10.2210/pdb6pq5/pdb 
WWPDB D_1000241906 ?            ?                   
# 
loop_
_pdbx_audit_revision_history.ordinal 
_pdbx_audit_revision_history.data_content_type 
_pdbx_audit_revision_history.major_revision 
_pdbx_audit_revision_history.minor_revision 
_pdbx_audit_revision_history.revision_date 
1 'Structure model' 1 0 2020-04-15 
2 'Structure model' 1 1 2020-04-29 
3 'Structure model' 1 2 2020-05-27 
4 'Structure model' 1 3 2024-03-13 
# 
_pdbx_audit_revision_details.ordinal             1 
_pdbx_audit_revision_details.revision_ordinal    1 
_pdbx_audit_revision_details.data_content_type   'Structure model' 
_pdbx_audit_revision_details.provider            repository 
_pdbx_audit_revision_details.type                'Initial release' 
_pdbx_audit_revision_details.description         ? 
_pdbx_audit_revision_details.details             ? 
# 
loop_
_pdbx_audit_revision_group.ordinal 
_pdbx_audit_revision_group.revision_ordinal 
_pdbx_audit_revision_group.data_content_type 
_pdbx_audit_revision_group.group 
1 2 'Structure model' 'Database references' 
2 3 'Structure model' 'Database references' 
3 4 'Structure model' 'Data collection'     
4 4 'Structure model' 'Database references' 
# 
loop_
_pdbx_audit_revision_category.ordinal 
_pdbx_audit_revision_category.revision_ordinal 
_pdbx_audit_revision_category.data_content_type 
_pdbx_audit_revision_category.category 
1 2 'Structure model' citation        
2 2 'Structure model' citation_author 
3 3 'Structure model' citation        
4 4 'Structure model' chem_comp_atom  
5 4 'Structure model' chem_comp_bond  
6 4 'Structure model' database_2      
# 
loop_
_pdbx_audit_revision_item.ordinal 
_pdbx_audit_revision_item.revision_ordinal 
_pdbx_audit_revision_item.data_content_type 
_pdbx_audit_revision_item.item 
1 2 'Structure model' '_citation.pdbx_database_id_PubMed'   
2 2 'Structure model' '_citation.title'                     
3 2 'Structure model' '_citation_author.name'               
4 3 'Structure model' '_citation.journal_volume'            
5 3 'Structure model' '_citation.page_first'                
6 3 'Structure model' '_citation.page_last'                 
7 4 'Structure model' '_database_2.pdbx_DOI'                
8 4 'Structure model' '_database_2.pdbx_database_accession' 
# 
_pdbx_database_status.status_code                     REL 
_pdbx_database_status.status_code_sf                  REL 
_pdbx_database_status.status_code_mr                  ? 
_pdbx_database_status.entry_id                        6PQ5 
_pdbx_database_status.recvd_initial_deposition_date   2019-07-08 
_pdbx_database_status.SG_entry                        N 
_pdbx_database_status.deposit_site                    RCSB 
_pdbx_database_status.process_site                    RCSB 
_pdbx_database_status.status_code_cs                  ? 
_pdbx_database_status.methods_development_category    ? 
_pdbx_database_status.pdb_format_compatible           Y 
_pdbx_database_status.status_code_nmr_data            ? 
# 
_pdbx_database_related.content_type   unspecified 
_pdbx_database_related.db_id          6PQA 
_pdbx_database_related.db_name        PDB 
_pdbx_database_related.details        'GAVVGG segment 119-124 from human prion' 
# 
loop_
_audit_author.name 
_audit_author.pdbx_ordinal 
_audit_author.identifier_ORCID 
'Apostol, M.I.' 1 ? 
'Sawaya, M.R.'  2 ? 
'Eisenberg, D.' 3 ? 
# 
_citation.abstract                  ? 
_citation.abstract_id_CAS           ? 
_citation.book_id_ISBN              ? 
_citation.book_publisher            ? 
_citation.book_publisher_city       ? 
_citation.book_title                ? 
_citation.coordinate_linkage        ? 
_citation.country                   US 
_citation.database_id_Medline       ? 
_citation.details                   ? 
_citation.id                        primary 
_citation.journal_abbrev            Nat.Struct.Mol.Biol. 
_citation.journal_id_ASTM           ? 
_citation.journal_id_CSD            ? 
_citation.journal_id_ISSN           1545-9985 
_citation.journal_full              ? 
_citation.journal_issue             ? 
_citation.journal_volume            27 
_citation.language                  ? 
_citation.page_first                417 
_citation.page_last                 423 
_citation.title                     'Cryo-EM structure of a human prion fibril with a hydrophobic, protease-resistant core.' 
_citation.year                      2020 
_citation.database_id_CSD           ? 
_citation.pdbx_database_id_DOI      10.1038/s41594-020-0403-y 
_citation.pdbx_database_id_PubMed   32284600 
_citation.unpublished_flag          ? 
# 
loop_
_citation_author.citation_id 
_citation_author.name 
_citation_author.ordinal 
_citation_author.identifier_ORCID 
primary 'Glynn, C.'           1  ? 
primary 'Sawaya, M.R.'        2  ? 
primary 'Ge, P.'              3  ? 
primary 'Gallagher-Jones, M.' 4  ? 
primary 'Short, C.W.'         5  ? 
primary 'Bowman, R.'          6  ? 
primary 'Apostol, M.'         7  ? 
primary 'Zhou, Z.H.'          8  ? 
primary 'Eisenberg, D.S.'     9  ? 
primary 'Rodriguez, J.A.'     10 ? 
# 
loop_
_entity.id 
_entity.type 
_entity.src_method 
_entity.pdbx_description 
_entity.formula_weight 
_entity.pdbx_number_of_molecules 
_entity.pdbx_ec 
_entity.pdbx_mutation 
_entity.pdbx_fragment 
_entity.details 
1 polymer     syn 'Major prion protein' 430.456 2 ? ? 'UNP residues 113-118' ? 
2 non-polymer syn 'MALONATE ION'        102.046 2 ? ? ?                      ? 
# 
_entity_name_com.entity_id   1 
_entity_name_com.name        'PrP, ASCR, PrP27-30, PrP33-35C' 
# 
_entity_poly.entity_id                      1 
_entity_poly.type                           'polypeptide(L)' 
_entity_poly.nstd_linkage                   no 
_entity_poly.nstd_monomer                   no 
_entity_poly.pdbx_seq_one_letter_code       AGAAAA 
_entity_poly.pdbx_seq_one_letter_code_can   AGAAAA 
_entity_poly.pdbx_strand_id                 A,B 
_entity_poly.pdbx_target_identifier         ? 
# 
_pdbx_entity_nonpoly.entity_id   2 
_pdbx_entity_nonpoly.name        'MALONATE ION' 
_pdbx_entity_nonpoly.comp_id     MLI 
# 
loop_
_entity_poly_seq.entity_id 
_entity_poly_seq.num 
_entity_poly_seq.mon_id 
_entity_poly_seq.hetero 
1 1 ALA n 
1 2 GLY n 
1 3 ALA n 
1 4 ALA n 
1 5 ALA n 
1 6 ALA n 
# 
_pdbx_entity_src_syn.entity_id              1 
_pdbx_entity_src_syn.pdbx_src_id            1 
_pdbx_entity_src_syn.pdbx_alt_source_flag   sample 
_pdbx_entity_src_syn.pdbx_beg_seq_num       1 
_pdbx_entity_src_syn.pdbx_end_seq_num       6 
_pdbx_entity_src_syn.organism_scientific    'Homo sapiens' 
_pdbx_entity_src_syn.organism_common_name   Human 
_pdbx_entity_src_syn.ncbi_taxonomy_id       9606 
_pdbx_entity_src_syn.details                ? 
# 
loop_
_chem_comp.id 
_chem_comp.type 
_chem_comp.mon_nstd_flag 
_chem_comp.name 
_chem_comp.pdbx_synonyms 
_chem_comp.formula 
_chem_comp.formula_weight 
ALA 'L-peptide linking' y ALANINE        ? 'C3 H7 N O2'  89.093  
GLY 'peptide linking'   y GLYCINE        ? 'C2 H5 N O2'  75.067  
MLI non-polymer         . 'MALONATE ION' ? 'C3 H2 O4 -2' 102.046 
# 
loop_
_pdbx_poly_seq_scheme.asym_id 
_pdbx_poly_seq_scheme.entity_id 
_pdbx_poly_seq_scheme.seq_id 
_pdbx_poly_seq_scheme.mon_id 
_pdbx_poly_seq_scheme.ndb_seq_num 
_pdbx_poly_seq_scheme.pdb_seq_num 
_pdbx_poly_seq_scheme.auth_seq_num 
_pdbx_poly_seq_scheme.pdb_mon_id 
_pdbx_poly_seq_scheme.auth_mon_id 
_pdbx_poly_seq_scheme.pdb_strand_id 
_pdbx_poly_seq_scheme.pdb_ins_code 
_pdbx_poly_seq_scheme.hetero 
A 1 1 ALA 1 1 1 ALA ALA A . n 
A 1 2 GLY 2 2 2 GLY GLY A . n 
A 1 3 ALA 3 3 3 ALA ALA A . n 
A 1 4 ALA 4 4 4 ALA ALA A . n 
A 1 5 ALA 5 5 5 ALA ALA A . n 
A 1 6 ALA 6 6 6 ALA ALA A . n 
B 1 1 ALA 1 1 1 ALA ALA B . n 
B 1 2 GLY 2 2 2 GLY GLY B . n 
B 1 3 ALA 3 3 3 ALA ALA B . n 
B 1 4 ALA 4 4 4 ALA ALA B . n 
B 1 5 ALA 5 5 5 ALA ALA B . n 
B 1 6 ALA 6 6 6 ALA ALA B . n 
# 
loop_
_pdbx_nonpoly_scheme.asym_id 
_pdbx_nonpoly_scheme.entity_id 
_pdbx_nonpoly_scheme.mon_id 
_pdbx_nonpoly_scheme.ndb_seq_num 
_pdbx_nonpoly_scheme.pdb_seq_num 
_pdbx_nonpoly_scheme.auth_seq_num 
_pdbx_nonpoly_scheme.pdb_mon_id 
_pdbx_nonpoly_scheme.auth_mon_id 
_pdbx_nonpoly_scheme.pdb_strand_id 
_pdbx_nonpoly_scheme.pdb_ins_code 
C 2 MLI 1 101 1 MLI MLI A . 
D 2 MLI 1 102 2 MLI MLI A . 
# 
loop_
_software.citation_id 
_software.classification 
_software.compiler_name 
_software.compiler_version 
_software.contact_author 
_software.contact_author_email 
_software.date 
_software.description 
_software.dependencies 
_software.hardware 
_software.language 
_software.location 
_software.mods 
_software.name 
_software.os 
_software.os_version 
_software.type 
_software.version 
_software.pdbx_ordinal 
? refinement       ? ? ? ? ? ? ? ? ? ? ? REFMAC    ? ? ? 5.4.0061 1 
? 'data reduction' ? ? ? ? ? ? ? ? ? ? ? DENZO     ? ? ? .        2 
? 'data scaling'   ? ? ? ? ? ? ? ? ? ? ? SCALEPACK ? ? ? 1.98.5   3 
? phasing          ? ? ? ? ? ? ? ? ? ? ? PHASER    ? ? ? 1.3.2    4 
# 
_cell.angle_alpha                  90.00 
_cell.angle_alpha_esd              ? 
_cell.angle_beta                   120.54 
_cell.angle_beta_esd               ? 
_cell.angle_gamma                  90.00 
_cell.angle_gamma_esd              ? 
_cell.entry_id                     6PQ5 
_cell.details                      ? 
_cell.formula_units_Z              ? 
_cell.length_a                     18.533 
_cell.length_a_esd                 ? 
_cell.length_b                     9.508 
_cell.length_b_esd                 ? 
_cell.length_c                     17.632 
_cell.length_c_esd                 ? 
_cell.volume                       ? 
_cell.volume_esd                   ? 
_cell.Z_PDB                        4 
_cell.reciprocal_angle_alpha       ? 
_cell.reciprocal_angle_beta        ? 
_cell.reciprocal_angle_gamma       ? 
_cell.reciprocal_angle_alpha_esd   ? 
_cell.reciprocal_angle_beta_esd    ? 
_cell.reciprocal_angle_gamma_esd   ? 
_cell.reciprocal_length_a          ? 
_cell.reciprocal_length_b          ? 
_cell.reciprocal_length_c          ? 
_cell.reciprocal_length_a_esd      ? 
_cell.reciprocal_length_b_esd      ? 
_cell.reciprocal_length_c_esd      ? 
_cell.pdbx_unique_axis             ? 
# 
_symmetry.entry_id                         6PQ5 
_symmetry.cell_setting                     ? 
_symmetry.Int_Tables_number                4 
_symmetry.space_group_name_Hall            ? 
_symmetry.space_group_name_H-M             'P 1 21 1' 
_symmetry.pdbx_full_space_group_name_H-M   ? 
# 
_exptl.absorpt_coefficient_mu     ? 
_exptl.absorpt_correction_T_max   ? 
_exptl.absorpt_correction_T_min   ? 
_exptl.absorpt_correction_type    ? 
_exptl.absorpt_process_details    ? 
_exptl.entry_id                   6PQ5 
_exptl.crystals_number            1 
_exptl.details                    ? 
_exptl.method                     'X-RAY DIFFRACTION' 
_exptl.method_details             ? 
# 
_exptl_crystal.colour                      ? 
_exptl_crystal.density_diffrn              ? 
_exptl_crystal.density_Matthews            1.55 
_exptl_crystal.density_method              ? 
_exptl_crystal.density_percent_sol         20.86 
_exptl_crystal.description                 ? 
_exptl_crystal.F_000                       ? 
_exptl_crystal.id                          1 
_exptl_crystal.preparation                 ? 
_exptl_crystal.size_max                    ? 
_exptl_crystal.size_mid                    ? 
_exptl_crystal.size_min                    ? 
_exptl_crystal.size_rad                    ? 
_exptl_crystal.colour_lustre               ? 
_exptl_crystal.colour_modifier             ? 
_exptl_crystal.colour_primary              ? 
_exptl_crystal.density_meas                ? 
_exptl_crystal.density_meas_esd            ? 
_exptl_crystal.density_meas_gt             ? 
_exptl_crystal.density_meas_lt             ? 
_exptl_crystal.density_meas_temp           ? 
_exptl_crystal.density_meas_temp_esd       ? 
_exptl_crystal.density_meas_temp_gt        ? 
_exptl_crystal.density_meas_temp_lt        ? 
_exptl_crystal.pdbx_crystal_image_url      ? 
_exptl_crystal.pdbx_crystal_image_format   ? 
_exptl_crystal.pdbx_mosaicity              ? 
_exptl_crystal.pdbx_mosaicity_esd          ? 
# 
_exptl_crystal_grow.apparatus       ? 
_exptl_crystal_grow.atmosphere      ? 
_exptl_crystal_grow.crystal_id      1 
_exptl_crystal_grow.details         ? 
_exptl_crystal_grow.method          'VAPOR DIFFUSION, HANGING DROP' 
_exptl_crystal_grow.method_ref      ? 
_exptl_crystal_grow.pH              4.0 
_exptl_crystal_grow.pressure        ? 
_exptl_crystal_grow.pressure_esd    ? 
_exptl_crystal_grow.seeding         ? 
_exptl_crystal_grow.seeding_ref     ? 
_exptl_crystal_grow.temp            298 
_exptl_crystal_grow.temp_details    ? 
_exptl_crystal_grow.temp_esd        ? 
_exptl_crystal_grow.time            ? 
_exptl_crystal_grow.pdbx_details    '35 mg/mL peptide in 1.92 M sodium malonate, pH 4.0' 
_exptl_crystal_grow.pdbx_pH_range   3.6-5.4 
# 
_diffrn.ambient_environment              ? 
_diffrn.ambient_temp                     100 
_diffrn.ambient_temp_details             ? 
_diffrn.ambient_temp_esd                 ? 
_diffrn.crystal_id                       1 
_diffrn.crystal_support                  ? 
_diffrn.crystal_treatment                ? 
_diffrn.details                          ? 
_diffrn.id                               1 
_diffrn.ambient_pressure                 ? 
_diffrn.ambient_pressure_esd             ? 
_diffrn.ambient_pressure_gt              ? 
_diffrn.ambient_pressure_lt              ? 
_diffrn.ambient_temp_gt                  ? 
_diffrn.ambient_temp_lt                  ? 
_diffrn.pdbx_serial_crystal_experiment   N 
# 
_diffrn_detector.details                      ? 
_diffrn_detector.detector                     CCD 
_diffrn_detector.diffrn_id                    1 
_diffrn_detector.type                         'MAR CCD 165 mm' 
_diffrn_detector.area_resol_mean              ? 
_diffrn_detector.dtime                        ? 
_diffrn_detector.pdbx_frames_total            ? 
_diffrn_detector.pdbx_collection_time_total   ? 
_diffrn_detector.pdbx_collection_date         2007-07-31 
_diffrn_detector.pdbx_frequency               ? 
# 
_diffrn_radiation.collimation                      ? 
_diffrn_radiation.diffrn_id                        1 
_diffrn_radiation.filter_edge                      ? 
_diffrn_radiation.inhomogeneity                    ? 
_diffrn_radiation.monochromator                    'Si(111)' 
_diffrn_radiation.polarisn_norm                    ? 
_diffrn_radiation.polarisn_ratio                   ? 
_diffrn_radiation.probe                            ? 
_diffrn_radiation.type                             ? 
_diffrn_radiation.xray_symbol                      ? 
_diffrn_radiation.wavelength_id                    1 
_diffrn_radiation.pdbx_monochromatic_or_laue_m_l   M 
_diffrn_radiation.pdbx_wavelength_list             ? 
_diffrn_radiation.pdbx_wavelength                  ? 
_diffrn_radiation.pdbx_diffrn_protocol             'SINGLE WAVELENGTH' 
_diffrn_radiation.pdbx_analyzer                    ? 
_diffrn_radiation.pdbx_scattering_type             x-ray 
# 
_diffrn_radiation_wavelength.id           1 
_diffrn_radiation_wavelength.wavelength   0.8954 
_diffrn_radiation_wavelength.wt           1.0 
# 
_diffrn_source.current                     ? 
_diffrn_source.details                     ? 
_diffrn_source.diffrn_id                   1 
_diffrn_source.power                       ? 
_diffrn_source.size                        ? 
_diffrn_source.source                      SYNCHROTRON 
_diffrn_source.target                      ? 
_diffrn_source.type                        'ESRF BEAMLINE ID13' 
_diffrn_source.voltage                     ? 
_diffrn_source.take-off_angle              ? 
_diffrn_source.pdbx_wavelength_list        0.8954 
_diffrn_source.pdbx_wavelength             ? 
_diffrn_source.pdbx_synchrotron_beamline   ID13 
_diffrn_source.pdbx_synchrotron_site       ESRF 
# 
_reflns.B_iso_Wilson_estimate            ? 
_reflns.entry_id                         6PQ5 
_reflns.data_reduction_details           ? 
_reflns.data_reduction_method            ? 
_reflns.d_resolution_high                1.5 
_reflns.d_resolution_low                 90.0 
_reflns.details                          ? 
_reflns.limit_h_max                      ? 
_reflns.limit_h_min                      ? 
_reflns.limit_k_max                      ? 
_reflns.limit_k_min                      ? 
_reflns.limit_l_max                      ? 
_reflns.limit_l_min                      ? 
_reflns.number_all                       ? 
_reflns.number_obs                       836 
_reflns.observed_criterion               ? 
_reflns.observed_criterion_F_max         ? 
_reflns.observed_criterion_F_min         ? 
_reflns.observed_criterion_I_max         ? 
_reflns.observed_criterion_I_min         ? 
_reflns.observed_criterion_sigma_F       ? 
_reflns.observed_criterion_sigma_I       ? 
_reflns.percent_possible_obs             91.5 
_reflns.R_free_details                   ? 
_reflns.Rmerge_F_all                     ? 
_reflns.Rmerge_F_obs                     ? 
_reflns.Friedel_coverage                 ? 
_reflns.number_gt                        ? 
_reflns.threshold_expression             ? 
_reflns.pdbx_redundancy                  3.4 
_reflns.pdbx_Rmerge_I_obs                ? 
_reflns.pdbx_Rmerge_I_all                ? 
_reflns.pdbx_Rsym_value                  0.18 
_reflns.pdbx_netI_over_av_sigmaI         ? 
_reflns.pdbx_netI_over_sigmaI            5.42 
_reflns.pdbx_res_netI_over_av_sigmaI_2   ? 
_reflns.pdbx_res_netI_over_sigmaI_2      ? 
_reflns.pdbx_chi_squared                 ? 
_reflns.pdbx_scaling_rejects             ? 
_reflns.pdbx_d_res_high_opt              ? 
_reflns.pdbx_d_res_low_opt               ? 
_reflns.pdbx_d_res_opt_method            ? 
_reflns.phase_calculation_details        ? 
_reflns.pdbx_Rrim_I_all                  ? 
_reflns.pdbx_Rpim_I_all                  ? 
_reflns.pdbx_d_opt                       ? 
_reflns.pdbx_number_measured_all         ? 
_reflns.pdbx_diffrn_id                   1 
_reflns.pdbx_ordinal                     1 
_reflns.pdbx_CC_half                     ? 
_reflns.pdbx_R_split                     ? 
# 
_reflns_shell.d_res_high                  1.5 
_reflns_shell.d_res_low                   1.55 
_reflns_shell.meanI_over_sigI_all         ? 
_reflns_shell.meanI_over_sigI_obs         ? 
_reflns_shell.number_measured_all         ? 
_reflns_shell.number_measured_obs         ? 
_reflns_shell.number_possible             ? 
_reflns_shell.number_unique_all           ? 
_reflns_shell.number_unique_obs           63 
_reflns_shell.percent_possible_all        64.9 
_reflns_shell.percent_possible_obs        ? 
_reflns_shell.Rmerge_F_all                ? 
_reflns_shell.Rmerge_F_obs                ? 
_reflns_shell.Rmerge_I_all                ? 
_reflns_shell.Rmerge_I_obs                ? 
_reflns_shell.meanI_over_sigI_gt          ? 
_reflns_shell.meanI_over_uI_all           ? 
_reflns_shell.meanI_over_uI_gt            ? 
_reflns_shell.number_measured_gt          ? 
_reflns_shell.number_unique_gt            ? 
_reflns_shell.percent_possible_gt         ? 
_reflns_shell.Rmerge_F_gt                 ? 
_reflns_shell.Rmerge_I_gt                 ? 
_reflns_shell.pdbx_redundancy             2.4 
_reflns_shell.pdbx_Rsym_value             0.50 
_reflns_shell.pdbx_chi_squared            ? 
_reflns_shell.pdbx_netI_over_sigmaI_all   ? 
_reflns_shell.pdbx_netI_over_sigmaI_obs   ? 
_reflns_shell.pdbx_Rrim_I_all             ? 
_reflns_shell.pdbx_Rpim_I_all             ? 
_reflns_shell.pdbx_rejects                ? 
_reflns_shell.pdbx_ordinal                1 
_reflns_shell.pdbx_diffrn_id              1 
_reflns_shell.pdbx_CC_half                ? 
_reflns_shell.pdbx_R_split                ? 
# 
_refine.aniso_B[1][1]                            1.40 
_refine.aniso_B[1][2]                            0.00 
_refine.aniso_B[1][3]                            -0.84 
_refine.aniso_B[2][2]                            -0.15 
_refine.aniso_B[2][3]                            0.00 
_refine.aniso_B[3][3]                            -2.10 
_refine.B_iso_max                                ? 
_refine.B_iso_mean                               12.450 
_refine.B_iso_min                                ? 
_refine.correlation_coeff_Fo_to_Fc               0.958 
_refine.correlation_coeff_Fo_to_Fc_free          0.923 
_refine.details                                  'HYDROGENS HAVE BEEN ADDED IN THE RIDING POSITIONS' 
_refine.diff_density_max                         ? 
_refine.diff_density_max_esd                     ? 
_refine.diff_density_min                         ? 
_refine.diff_density_min_esd                     ? 
_refine.diff_density_rms                         ? 
_refine.diff_density_rms_esd                     ? 
_refine.entry_id                                 6PQ5 
_refine.pdbx_refine_id                           'X-RAY DIFFRACTION' 
_refine.ls_abs_structure_details                 ? 
_refine.ls_abs_structure_Flack                   ? 
_refine.ls_abs_structure_Flack_esd               ? 
_refine.ls_abs_structure_Rogers                  ? 
_refine.ls_abs_structure_Rogers_esd              ? 
_refine.ls_d_res_high                            1.5 
_refine.ls_d_res_low                             15.96 
_refine.ls_extinction_coef                       ? 
_refine.ls_extinction_coef_esd                   ? 
_refine.ls_extinction_expression                 ? 
_refine.ls_extinction_method                     ? 
_refine.ls_goodness_of_fit_all                   ? 
_refine.ls_goodness_of_fit_all_esd               ? 
_refine.ls_goodness_of_fit_obs                   ? 
_refine.ls_goodness_of_fit_obs_esd               ? 
_refine.ls_hydrogen_treatment                    ? 
_refine.ls_matrix_type                           ? 
_refine.ls_number_constraints                    ? 
_refine.ls_number_parameters                     ? 
_refine.ls_number_reflns_all                     ? 
_refine.ls_number_reflns_obs                     758 
_refine.ls_number_reflns_R_free                  75 
_refine.ls_number_reflns_R_work                  ? 
_refine.ls_number_restraints                     ? 
_refine.ls_percent_reflns_obs                    88.52 
_refine.ls_percent_reflns_R_free                 9.0 
_refine.ls_R_factor_all                          ? 
_refine.ls_R_factor_obs                          0.23694 
_refine.ls_R_factor_R_free                       0.27122 
_refine.ls_R_factor_R_free_error                 ? 
_refine.ls_R_factor_R_free_error_details         ? 
_refine.ls_R_factor_R_work                       0.23421 
_refine.ls_R_Fsqd_factor_obs                     ? 
_refine.ls_R_I_factor_obs                        ? 
_refine.ls_redundancy_reflns_all                 ? 
_refine.ls_redundancy_reflns_obs                 ? 
_refine.ls_restrained_S_all                      ? 
_refine.ls_restrained_S_obs                      ? 
_refine.ls_shift_over_esd_max                    ? 
_refine.ls_shift_over_esd_mean                   ? 
_refine.ls_structure_factor_coef                 ? 
_refine.ls_weighting_details                     ? 
_refine.ls_weighting_scheme                      ? 
_refine.ls_wR_factor_all                         ? 
_refine.ls_wR_factor_obs                         ? 
_refine.ls_wR_factor_R_free                      ? 
_refine.ls_wR_factor_R_work                      ? 
_refine.occupancy_max                            ? 
_refine.occupancy_min                            ? 
_refine.solvent_model_details                    ? 
_refine.solvent_model_param_bsol                 ? 
_refine.solvent_model_param_ksol                 ? 
_refine.ls_R_factor_gt                           ? 
_refine.ls_goodness_of_fit_gt                    ? 
_refine.ls_goodness_of_fit_ref                   ? 
_refine.ls_shift_over_su_max                     ? 
_refine.ls_shift_over_su_max_lt                  ? 
_refine.ls_shift_over_su_mean                    ? 
_refine.ls_shift_over_su_mean_lt                 ? 
_refine.pdbx_ls_sigma_I                          ? 
_refine.pdbx_ls_sigma_F                          ? 
_refine.pdbx_ls_sigma_Fsqd                       ? 
_refine.pdbx_data_cutoff_high_absF               ? 
_refine.pdbx_data_cutoff_high_rms_absF           ? 
_refine.pdbx_data_cutoff_low_absF                ? 
_refine.pdbx_isotropic_thermal_model             ? 
_refine.pdbx_ls_cross_valid_method               THROUGHOUT 
_refine.pdbx_method_to_determine_struct          'MOLECULAR REPLACEMENT' 
_refine.pdbx_starting_model                      ? 
_refine.pdbx_stereochemistry_target_values       ? 
_refine.pdbx_R_Free_selection_details            RANDOM 
_refine.pdbx_stereochem_target_val_spec_case     ? 
_refine.pdbx_overall_ESU_R                       0.150 
_refine.pdbx_overall_ESU_R_Free                  0.136 
_refine.pdbx_solvent_vdw_probe_radii             1.40 
_refine.pdbx_solvent_ion_probe_radii             0.80 
_refine.pdbx_solvent_shrinkage_radii             0.80 
_refine.pdbx_real_space_R                        ? 
_refine.pdbx_density_correlation                 ? 
_refine.pdbx_pd_number_of_powder_patterns        ? 
_refine.pdbx_pd_number_of_points                 ? 
_refine.pdbx_pd_meas_number_of_points            ? 
_refine.pdbx_pd_proc_ls_prof_R_factor            ? 
_refine.pdbx_pd_proc_ls_prof_wR_factor           ? 
_refine.pdbx_pd_Marquardt_correlation_coeff      ? 
_refine.pdbx_pd_Fsqrd_R_factor                   ? 
_refine.pdbx_pd_ls_matrix_band_width             ? 
_refine.pdbx_overall_phase_error                 ? 
_refine.pdbx_overall_SU_R_free_Cruickshank_DPI   ? 
_refine.pdbx_overall_SU_R_free_Blow_DPI          ? 
_refine.pdbx_overall_SU_R_Blow_DPI               ? 
_refine.pdbx_TLS_residual_ADP_flag               ? 
_refine.pdbx_diffrn_id                           1 
_refine.overall_SU_B                             2.696 
_refine.overall_SU_ML                            0.094 
_refine.overall_SU_R_Cruickshank_DPI             ? 
_refine.overall_SU_R_free                        ? 
_refine.overall_FOM_free_R_set                   ? 
_refine.overall_FOM_work_R_set                   ? 
_refine.pdbx_average_fsc_overall                 ? 
_refine.pdbx_average_fsc_work                    ? 
_refine.pdbx_average_fsc_free                    ? 
# 
_refine_hist.pdbx_refine_id                   'X-RAY DIFFRACTION' 
_refine_hist.cycle_id                         1 
_refine_hist.details                          ? 
_refine_hist.d_res_high                       1.5 
_refine_hist.d_res_low                        15.96 
_refine_hist.number_atoms_solvent             0 
_refine_hist.number_atoms_total               74 
_refine_hist.number_reflns_all                ? 
_refine_hist.number_reflns_obs                ? 
_refine_hist.number_reflns_R_free             ? 
_refine_hist.number_reflns_R_work             ? 
_refine_hist.R_factor_all                     ? 
_refine_hist.R_factor_obs                     ? 
_refine_hist.R_factor_R_free                  ? 
_refine_hist.R_factor_R_work                  ? 
_refine_hist.pdbx_number_residues_total       ? 
_refine_hist.pdbx_B_iso_mean_ligand           ? 
_refine_hist.pdbx_B_iso_mean_solvent          ? 
_refine_hist.pdbx_number_atoms_protein        60 
_refine_hist.pdbx_number_atoms_nucleic_acid   0 
_refine_hist.pdbx_number_atoms_ligand         14 
_refine_hist.pdbx_number_atoms_lipid          ? 
_refine_hist.pdbx_number_atoms_carb           ? 
_refine_hist.pdbx_pseudo_atom_details         ? 
# 
loop_
_refine_ls_restr.pdbx_refine_id 
_refine_ls_restr.criterion 
_refine_ls_restr.dev_ideal 
_refine_ls_restr.dev_ideal_target 
_refine_ls_restr.number 
_refine_ls_restr.rejects 
_refine_ls_restr.type 
_refine_ls_restr.weight 
_refine_ls_restr.pdbx_restraint_function 
'X-RAY DIFFRACTION' ? 0.006 0.021 70 ? r_bond_refined_d             ? ? 
'X-RAY DIFFRACTION' ? 0.001 0.020 28 ? r_bond_other_d               ? ? 
'X-RAY DIFFRACTION' ? 1.102 2.117 92 ? r_angle_refined_deg          ? ? 
'X-RAY DIFFRACTION' ? 0.727 3.000 70 ? r_angle_other_deg            ? ? 
'X-RAY DIFFRACTION' ? 3.490 5.000 10 ? r_dihedral_angle_1_deg       ? ? 
'X-RAY DIFFRACTION' ? ?     ?     ?  ? r_dihedral_angle_2_deg       ? ? 
'X-RAY DIFFRACTION' ? ?     ?     ?  ? r_dihedral_angle_3_deg       ? ? 
'X-RAY DIFFRACTION' ? ?     ?     ?  ? r_dihedral_angle_4_deg       ? ? 
'X-RAY DIFFRACTION' ? 0.062 0.200 10 ? r_chiral_restr               ? ? 
'X-RAY DIFFRACTION' ? 0.002 0.020 94 ? r_gen_planes_refined         ? ? 
'X-RAY DIFFRACTION' ? 0.000 0.020 10 ? r_gen_planes_other           ? ? 
'X-RAY DIFFRACTION' ? ?     ?     ?  ? r_nbd_refined                ? ? 
'X-RAY DIFFRACTION' ? ?     ?     ?  ? r_nbd_other                  ? ? 
'X-RAY DIFFRACTION' ? ?     ?     ?  ? r_nbtor_refined              ? ? 
'X-RAY DIFFRACTION' ? ?     ?     ?  ? r_nbtor_other                ? ? 
'X-RAY DIFFRACTION' ? ?     ?     ?  ? r_xyhbond_nbd_refined        ? ? 
'X-RAY DIFFRACTION' ? ?     ?     ?  ? r_xyhbond_nbd_other          ? ? 
'X-RAY DIFFRACTION' ? ?     ?     ?  ? r_metal_ion_refined          ? ? 
'X-RAY DIFFRACTION' ? ?     ?     ?  ? r_metal_ion_other            ? ? 
'X-RAY DIFFRACTION' ? ?     ?     ?  ? r_symmetry_vdw_refined       ? ? 
'X-RAY DIFFRACTION' ? ?     ?     ?  ? r_symmetry_vdw_other         ? ? 
'X-RAY DIFFRACTION' ? ?     ?     ?  ? r_symmetry_hbond_refined     ? ? 
'X-RAY DIFFRACTION' ? ?     ?     ?  ? r_symmetry_hbond_other       ? ? 
'X-RAY DIFFRACTION' ? ?     ?     ?  ? r_symmetry_metal_ion_refined ? ? 
'X-RAY DIFFRACTION' ? ?     ?     ?  ? r_symmetry_metal_ion_other   ? ? 
'X-RAY DIFFRACTION' ? 0.475 1.500 58 ? r_mcbond_it                  ? ? 
'X-RAY DIFFRACTION' ? 0.076 1.500 24 ? r_mcbond_other               ? ? 
'X-RAY DIFFRACTION' ? 0.782 2.000 78 ? r_mcangle_it                 ? ? 
'X-RAY DIFFRACTION' ? ?     ?     ?  ? r_mcangle_other              ? ? 
'X-RAY DIFFRACTION' ? 0.728 3.000 12 ? r_scbond_it                  ? ? 
'X-RAY DIFFRACTION' ? ?     ?     ?  ? r_scbond_other               ? ? 
'X-RAY DIFFRACTION' ? 0.837 4.500 14 ? r_scangle_it                 ? ? 
'X-RAY DIFFRACTION' ? ?     ?     ?  ? r_scangle_other              ? ? 
'X-RAY DIFFRACTION' ? ?     ?     ?  ? r_long_range_B_refined       ? ? 
'X-RAY DIFFRACTION' ? ?     ?     ?  ? r_long_range_B_other         ? ? 
'X-RAY DIFFRACTION' ? ?     ?     ?  ? r_rigid_bond_restr           ? ? 
'X-RAY DIFFRACTION' ? ?     ?     ?  ? r_sphericity_free            ? ? 
'X-RAY DIFFRACTION' ? ?     ?     ?  ? r_sphericity_bonded          ? ? 
# 
_refine_ls_shell.pdbx_refine_id                   'X-RAY DIFFRACTION' 
_refine_ls_shell.d_res_high                       1.494 
_refine_ls_shell.d_res_low                        1.668 
_refine_ls_shell.number_reflns_all                ? 
_refine_ls_shell.number_reflns_obs                ? 
_refine_ls_shell.number_reflns_R_free             23 
_refine_ls_shell.number_reflns_R_work             163 
_refine_ls_shell.percent_reflns_obs               70.45 
_refine_ls_shell.percent_reflns_R_free            ? 
_refine_ls_shell.R_factor_all                     ? 
_refine_ls_shell.R_factor_obs                     ? 
_refine_ls_shell.R_factor_R_free                  0.329 
_refine_ls_shell.R_factor_R_free_error            ? 
_refine_ls_shell.R_factor_R_work                  0.292 
_refine_ls_shell.redundancy_reflns_all            ? 
_refine_ls_shell.redundancy_reflns_obs            ? 
_refine_ls_shell.wR_factor_all                    ? 
_refine_ls_shell.wR_factor_obs                    ? 
_refine_ls_shell.wR_factor_R_free                 ? 
_refine_ls_shell.wR_factor_R_work                 ? 
_refine_ls_shell.pdbx_total_number_of_bins_used   5 
_refine_ls_shell.pdbx_phase_error                 ? 
_refine_ls_shell.pdbx_fsc_work                    ? 
_refine_ls_shell.pdbx_fsc_free                    ? 
# 
_struct.entry_id                     6PQ5 
_struct.title                        'AGAAAA segment 113-118 from human prion' 
_struct.pdbx_model_details           ? 
_struct.pdbx_formula_weight          ? 
_struct.pdbx_formula_weight_method   ? 
_struct.pdbx_model_type_details      ? 
_struct.pdbx_CASP_flag               N 
# 
_struct_keywords.entry_id        6PQ5 
_struct_keywords.text            'amyloid-like protofibril, PROTEIN FIBRIL' 
_struct_keywords.pdbx_keywords   'PROTEIN FIBRIL' 
# 
loop_
_struct_asym.id 
_struct_asym.pdbx_blank_PDB_chainid_flag 
_struct_asym.pdbx_modified 
_struct_asym.entity_id 
_struct_asym.details 
A N N 1 ? 
B N N 1 ? 
C N N 2 ? 
D N N 2 ? 
# 
_struct_ref.id                         1 
_struct_ref.db_name                    UNP 
_struct_ref.db_code                    PRIO_HUMAN 
_struct_ref.pdbx_db_accession          P04156 
_struct_ref.pdbx_db_isoform            ? 
_struct_ref.entity_id                  1 
_struct_ref.pdbx_seq_one_letter_code   AGAAAA 
_struct_ref.pdbx_align_begin           113 
# 
loop_
_struct_ref_seq.align_id 
_struct_ref_seq.ref_id 
_struct_ref_seq.pdbx_PDB_id_code 
_struct_ref_seq.pdbx_strand_id 
_struct_ref_seq.seq_align_beg 
_struct_ref_seq.pdbx_seq_align_beg_ins_code 
_struct_ref_seq.seq_align_end 
_struct_ref_seq.pdbx_seq_align_end_ins_code 
_struct_ref_seq.pdbx_db_accession 
_struct_ref_seq.db_align_beg 
_struct_ref_seq.pdbx_db_align_beg_ins_code 
_struct_ref_seq.db_align_end 
_struct_ref_seq.pdbx_db_align_end_ins_code 
_struct_ref_seq.pdbx_auth_seq_align_beg 
_struct_ref_seq.pdbx_auth_seq_align_end 
1 1 6PQ5 A 1 ? 6 ? P04156 113 ? 118 ? 1 6 
2 1 6PQ5 B 1 ? 6 ? P04156 113 ? 118 ? 1 6 
# 
_pdbx_struct_assembly.id                   1 
_pdbx_struct_assembly.details              author_defined_assembly 
_pdbx_struct_assembly.method_details       ? 
_pdbx_struct_assembly.oligomeric_details   octameric 
_pdbx_struct_assembly.oligomeric_count     8 
# 
loop_
_pdbx_struct_assembly_gen.assembly_id 
_pdbx_struct_assembly_gen.oper_expression 
_pdbx_struct_assembly_gen.asym_id_list 
1 1 A,B,C,D 
1 2 A,B,C,D 
1 3 A,C,D   
1 4 A,C,D   
1 5 B       
1 6 B       
# 
_pdbx_struct_assembly_auth_evidence.id                     1 
_pdbx_struct_assembly_auth_evidence.assembly_id            1 
_pdbx_struct_assembly_auth_evidence.experimental_support   none 
_pdbx_struct_assembly_auth_evidence.details                ? 
# 
loop_
_pdbx_struct_oper_list.id 
_pdbx_struct_oper_list.type 
_pdbx_struct_oper_list.name 
_pdbx_struct_oper_list.symmetry_operation 
_pdbx_struct_oper_list.matrix[1][1] 
_pdbx_struct_oper_list.matrix[1][2] 
_pdbx_struct_oper_list.matrix[1][3] 
_pdbx_struct_oper_list.vector[1] 
_pdbx_struct_oper_list.matrix[2][1] 
_pdbx_struct_oper_list.matrix[2][2] 
_pdbx_struct_oper_list.matrix[2][3] 
_pdbx_struct_oper_list.vector[2] 
_pdbx_struct_oper_list.matrix[3][1] 
_pdbx_struct_oper_list.matrix[3][2] 
_pdbx_struct_oper_list.matrix[3][3] 
_pdbx_struct_oper_list.vector[3] 
1 'identity operation'         1_555 x,y,z         1.0000000000 0.0000000000  0.0000000000  0.0000000000  0.0000000000  1.0000000000  0.0000000000 0.0000000000   0.0000000000  0.0000000000 1.0000000000  0.0000000000  
2 'crystal symmetry operation' 1_565 x,y+1,z       1.0000000000 0.0000000000  0.0000000000  9.0521914763  0.0000000000  1.0000000000  0.0000000000 -1.5728343532  0.0000000000  0.0000000000 1.0000000000  -2.4466478237 
3 'crystal symmetry operation' 2_556 -x,y+1/2,-z+1 0.8128384884 -0.3149839085 -0.4899782946 2.5361486624  -0.3149839085 -0.9452709862 0.0851345993 -9.9054250272  -0.4899782946 0.0851345993 -0.8675675021 -2.7236187672 
4 'crystal symmetry operation' 2_566 -x,y+3/2,-z+1 0.8128384884 -0.3149839085 -0.4899782946 11.5883401387 -0.3149839085 -0.9452709862 0.0851345993 -11.4782593805 -0.4899782946 0.0851345993 -0.8675675021 -5.1702665909 
5 'crystal symmetry operation' 2_555 -x,y+1/2,-z   0.8128384884 -0.3149839085 -0.4899782946 6.0816136945  -0.3149839085 -0.9452709862 0.0851345993 7.2387263027   -0.4899782946 0.0851345993 -0.8675675021 -0.6271510514 
6 'crystal symmetry operation' 2_565 -x,y+3/2,-z   0.8128384884 -0.3149839085 -0.4899782946 15.1338051708 -0.3149839085 -0.9452709862 0.0851345993 5.6658919495   -0.4899782946 0.0851345993 -0.8675675021 -3.0737988751  
# 
loop_
_struct_site.id 
_struct_site.pdbx_evidence_code 
_struct_site.pdbx_auth_asym_id 
_struct_site.pdbx_auth_comp_id 
_struct_site.pdbx_auth_seq_id 
_struct_site.pdbx_auth_ins_code 
_struct_site.pdbx_num_residues 
_struct_site.details 
AC1 Software A MLI 101 ? 6 'binding site for residue MLI A 101' 
AC2 Software A MLI 102 ? 6 'binding site for residue MLI A 102' 
# 
loop_
_struct_site_gen.id 
_struct_site_gen.site_id 
_struct_site_gen.pdbx_num_res 
_struct_site_gen.label_comp_id 
_struct_site_gen.label_asym_id 
_struct_site_gen.label_seq_id 
_struct_site_gen.pdbx_auth_ins_code 
_struct_site_gen.auth_comp_id 
_struct_site_gen.auth_asym_id 
_struct_site_gen.auth_seq_id 
_struct_site_gen.label_atom_id 
_struct_site_gen.label_alt_id 
_struct_site_gen.symmetry 
_struct_site_gen.details 
1  AC1 6 ALA A 1 ? ALA A 1 . ? 1_555 ? 
2  AC1 6 ALA A 6 ? ALA A 6 . ? 1_657 ? 
3  AC1 6 ALA B 1 ? ALA B 1 . ? 1_556 ? 
4  AC1 6 GLY B 2 ? GLY B 2 . ? 1_556 ? 
5  AC1 6 ALA B 5 ? ALA B 5 . ? 1_657 ? 
6  AC1 6 ALA B 6 ? ALA B 6 . ? 1_657 ? 
7  AC2 6 ALA A 1 ? ALA A 1 . ? 1_555 ? 
8  AC2 6 GLY A 2 ? GLY A 2 . ? 1_555 ? 
9  AC2 6 ALA A 5 ? ALA A 5 . ? 1_656 ? 
10 AC2 6 ALA A 6 ? ALA A 6 . ? 1_656 ? 
11 AC2 6 ALA B 1 ? ALA B 1 . ? 1_555 ? 
12 AC2 6 ALA B 6 ? ALA B 6 . ? 1_657 ? 
# 
_pdbx_entry_details.entry_id                 6PQ5 
_pdbx_entry_details.has_ligand_of_interest   N 
_pdbx_entry_details.compound_details         ? 
_pdbx_entry_details.source_details           ? 
_pdbx_entry_details.nonpolymer_details       ? 
_pdbx_entry_details.sequence_details         ? 
# 
loop_
_chem_comp_atom.comp_id 
_chem_comp_atom.atom_id 
_chem_comp_atom.type_symbol 
_chem_comp_atom.pdbx_aromatic_flag 
_chem_comp_atom.pdbx_stereo_config 
_chem_comp_atom.pdbx_ordinal 
ALA N   N N N 1  
ALA CA  C N S 2  
ALA C   C N N 3  
ALA O   O N N 4  
ALA CB  C N N 5  
ALA OXT O N N 6  
ALA H   H N N 7  
ALA H2  H N N 8  
ALA HA  H N N 9  
ALA HB1 H N N 10 
ALA HB2 H N N 11 
ALA HB3 H N N 12 
ALA HXT H N N 13 
GLY N   N N N 14 
GLY CA  C N N 15 
GLY C   C N N 16 
GLY O   O N N 17 
GLY OXT O N N 18 
GLY H   H N N 19 
GLY H2  H N N 20 
GLY HA2 H N N 21 
GLY HA3 H N N 22 
GLY HXT H N N 23 
MLI C1  C N N 24 
MLI C2  C N N 25 
MLI C3  C N N 26 
MLI O6  O N N 27 
MLI O7  O N N 28 
MLI O8  O N N 29 
MLI O9  O N N 30 
MLI H11 H N N 31 
MLI H12 H N N 32 
# 
loop_
_chem_comp_bond.comp_id 
_chem_comp_bond.atom_id_1 
_chem_comp_bond.atom_id_2 
_chem_comp_bond.value_order 
_chem_comp_bond.pdbx_aromatic_flag 
_chem_comp_bond.pdbx_stereo_config 
_chem_comp_bond.pdbx_ordinal 
ALA N   CA  sing N N 1  
ALA N   H   sing N N 2  
ALA N   H2  sing N N 3  
ALA CA  C   sing N N 4  
ALA CA  CB  sing N N 5  
ALA CA  HA  sing N N 6  
ALA C   O   doub N N 7  
ALA C   OXT sing N N 8  
ALA CB  HB1 sing N N 9  
ALA CB  HB2 sing N N 10 
ALA CB  HB3 sing N N 11 
ALA OXT HXT sing N N 12 
GLY N   CA  sing N N 13 
GLY N   H   sing N N 14 
GLY N   H2  sing N N 15 
GLY CA  C   sing N N 16 
GLY CA  HA2 sing N N 17 
GLY CA  HA3 sing N N 18 
GLY C   O   doub N N 19 
GLY C   OXT sing N N 20 
GLY OXT HXT sing N N 21 
MLI C1  C2  sing N N 22 
MLI C1  C3  sing N N 23 
MLI C1  H11 sing N N 24 
MLI C1  H12 sing N N 25 
MLI C2  O6  doub N N 26 
MLI C2  O7  sing N N 27 
MLI C3  O8  doub N N 28 
MLI C3  O9  sing N N 29 
# 
loop_
_pdbx_audit_support.funding_organization 
_pdbx_audit_support.country 
_pdbx_audit_support.grant_number 
_pdbx_audit_support.ordinal 
'National Institutes of Health/National Institute on Aging (NIH/NIA)'                      'United States' 'R01 AG029430'    1 
'National Institutes of Health/National Institute on Aging (NIH/NIA)'                      'United States' 'R01 AG029430-05' 2 
'National Institutes of Health/National Institute of General Medical Sciences (NIH/NIGMS)' 'United States' 'T32 GM007185'    3 
'National Institutes of Health/National Institute of General Medical Sciences (NIH/NIGMS)' 'United States' GM007185          4 
# 
_atom_sites.entry_id                    6PQ5 
_atom_sites.Cartn_transf_matrix[1][1]   ? 
_atom_sites.Cartn_transf_matrix[1][2]   ? 
_atom_sites.Cartn_transf_matrix[1][3]   ? 
_atom_sites.Cartn_transf_matrix[2][1]   ? 
_atom_sites.Cartn_transf_matrix[2][2]   ? 
_atom_sites.Cartn_transf_matrix[2][3]   ? 
_atom_sites.Cartn_transf_matrix[3][1]   ? 
_atom_sites.Cartn_transf_matrix[3][2]   ? 
_atom_sites.Cartn_transf_matrix[3][3]   ? 
_atom_sites.Cartn_transf_vector[1]      ? 
_atom_sites.Cartn_transf_vector[2]      ? 
_atom_sites.Cartn_transf_vector[3]      ? 
_atom_sites.fract_transf_matrix[1][1]   -0.01444246 
_atom_sites.fract_transf_matrix[1][2]   0.01033470 
_atom_sites.fract_transf_matrix[1][3]   -0.06007841 
_atom_sites.fract_transf_matrix[2][1]   0.10013297 
_atom_sites.fract_transf_matrix[2][2]   -0.01739828 
_atom_sites.fract_transf_matrix[2][3]   -0.02706418 
_atom_sites.fract_transf_matrix[3][1]   -0.01911800 
_atom_sites.fract_transf_matrix[3][2]   -0.04962576 
_atom_sites.fract_transf_matrix[3][3]   -0.03883139 
_atom_sites.fract_transf_vector[1]      -0.012327 
_atom_sites.fract_transf_vector[2]      0.078899 
_atom_sites.fract_transf_vector[3]      0.225571 
_atom_sites.solution_primary            ? 
_atom_sites.solution_secondary          ? 
_atom_sites.solution_hydrogens          ? 
_atom_sites.special_details             ? 
# 
loop_
_atom_type.symbol 
C 
N 
O 
# 
loop_
_atom_site.group_PDB 
_atom_site.id 
_atom_site.type_symbol 
_atom_site.label_atom_id 
_atom_site.label_alt_id 
_atom_site.label_comp_id 
_atom_site.label_asym_id 
_atom_site.label_entity_id 
_atom_site.label_seq_id 
_atom_site.pdbx_PDB_ins_code 
_atom_site.Cartn_x 
_atom_site.Cartn_y 
_atom_site.Cartn_z 
_atom_site.occupancy 
_atom_site.B_iso_or_equiv 
_atom_site.pdbx_formal_charge 
_atom_site.auth_seq_id 
_atom_site.auth_comp_id 
_atom_site.auth_asym_id 
_atom_site.auth_atom_id 
_atom_site.pdbx_PDB_model_num 
ATOM   1  N N   . ALA A 1 1 ? -3.252 -11.027 -7.813 1.00 14.89 ?  1   ALA A N   1 
ATOM   2  C CA  . ALA A 1 1 ? -3.310 -10.731 -6.346 1.00 14.64 ?  1   ALA A CA  1 
ATOM   3  C C   . ALA A 1 1 ? -2.206 -9.756  -5.942 1.00 14.14 ?  1   ALA A C   1 
ATOM   4  O O   . ALA A 1 1 ? -1.056 -9.900  -6.359 1.00 14.37 ?  1   ALA A O   1 
ATOM   5  C CB  . ALA A 1 1 ? -3.177 -12.013 -5.533 1.00 14.91 ?  1   ALA A CB  1 
ATOM   6  N N   . GLY A 1 2 ? -2.547 -8.784  -5.097 1.00 13.48 ?  2   GLY A N   1 
ATOM   7  C CA  . GLY A 1 2 ? -1.542 -7.852  -4.606 1.00 13.04 ?  2   GLY A CA  1 
ATOM   8  C C   . GLY A 1 2 ? -1.979 -7.068  -3.394 1.00 12.55 ?  2   GLY A C   1 
ATOM   9  O O   . GLY A 1 2 ? -3.168 -6.933  -3.126 1.00 12.28 ?  2   GLY A O   1 
ATOM   10 N N   . ALA A 1 3 ? -0.987 -6.546  -2.684 1.00 12.81 ?  3   ALA A N   1 
ATOM   11 C CA  . ALA A 1 3 ? -1.192 -5.864  -1.418 1.00 12.71 ?  3   ALA A CA  1 
ATOM   12 C C   . ALA A 1 3 ? -0.087 -4.827  -1.174 1.00 12.52 ?  3   ALA A C   1 
ATOM   13 O O   . ALA A 1 3 ? 1.035  -4.961  -1.669 1.00 11.42 ?  3   ALA A O   1 
ATOM   14 C CB  . ALA A 1 3 ? -1.212 -6.874  -0.280 1.00 13.07 ?  3   ALA A CB  1 
ATOM   15 N N   . ALA A 1 4 ? -0.418 -3.809  -0.383 1.00 12.42 ?  4   ALA A N   1 
ATOM   16 C CA  . ALA A 1 4 ? 0.514  -2.732  -0.072 1.00 12.89 ?  4   ALA A CA  1 
ATOM   17 C C   . ALA A 1 4 ? 0.146  -2.102  1.261  1.00 13.24 ?  4   ALA A C   1 
ATOM   18 O O   . ALA A 1 4 ? -1.020 -2.059  1.620  1.00 12.57 ?  4   ALA A O   1 
ATOM   19 C CB  . ALA A 1 4 ? 0.470  -1.674  -1.169 1.00 13.04 ?  4   ALA A CB  1 
ATOM   20 N N   . ALA A 1 5 ? 1.142  -1.605  1.982  1.00 13.99 ?  5   ALA A N   1 
ATOM   21 C CA  . ALA A 1 5 ? 0.889  -0.900  3.231  1.00 14.81 ?  5   ALA A CA  1 
ATOM   22 C C   . ALA A 1 5 ? 2.012  0.072   3.559  1.00 15.34 ?  5   ALA A C   1 
ATOM   23 O O   . ALA A 1 5 ? 3.131  -0.049  3.043  1.00 15.07 ?  5   ALA A O   1 
ATOM   24 C CB  . ALA A 1 5 ? 0.673  -1.881  4.383  1.00 15.08 ?  5   ALA A CB  1 
ATOM   25 N N   . ALA A 1 6 ? 1.691  1.035   4.424  1.00 15.98 ?  6   ALA A N   1 
ATOM   26 C CA  . ALA A 1 6 ? 2.626  2.085   4.815  1.00 16.86 ?  6   ALA A CA  1 
ATOM   27 C C   . ALA A 1 6 ? 2.265  2.653   6.187  1.00 17.36 ?  6   ALA A C   1 
ATOM   28 O O   . ALA A 1 6 ? 3.098  3.218   6.909  1.00 17.84 ?  6   ALA A O   1 
ATOM   29 C CB  . ALA A 1 6 ? 2.605  3.197   3.776  1.00 16.80 ?  6   ALA A CB  1 
ATOM   30 O OXT . ALA A 1 6 ? 1.110  2.577   6.603  1.00 17.92 ?  6   ALA A OXT 1 
ATOM   31 N N   . ALA B 1 1 ? -2.513 -2.544  -6.218 1.00 14.71 ?  1   ALA B N   1 
ATOM   32 C CA  . ALA B 1 1 ? -2.615 -2.089  -4.807 1.00 14.19 ?  1   ALA B CA  1 
ATOM   33 C C   . ALA B 1 1 ? -1.575 -0.995  -4.552 1.00 13.95 ?  1   ALA B C   1 
ATOM   34 O O   . ALA B 1 1 ? -0.464 -1.071  -5.060 1.00 14.83 ?  1   ALA B O   1 
ATOM   35 C CB  . ALA B 1 1 ? -2.411 -3.276  -3.846 1.00 14.79 ?  1   ALA B CB  1 
ATOM   36 N N   . GLY B 1 2 ? -1.948 0.019   -3.775 1.00 13.74 ?  2   GLY B N   1 
ATOM   37 C CA  . GLY B 1 2 ? -1.031 1.091   -3.395 1.00 13.30 ?  2   GLY B CA  1 
ATOM   38 C C   . GLY B 1 2 ? -1.379 1.685   -2.041 1.00 13.22 ?  2   GLY B C   1 
ATOM   39 O O   . GLY B 1 2 ? -2.541 1.675   -1.628 1.00 12.64 ?  2   GLY B O   1 
ATOM   40 N N   . ALA B 1 3 ? -0.359 2.190   -1.351 1.00 12.93 ?  3   ALA B N   1 
ATOM   41 C CA  . ALA B 1 3 ? -0.533 2.819   -0.048 1.00 13.05 ?  3   ALA B CA  1 
ATOM   42 C C   . ALA B 1 3 ? 0.552  3.858   0.225  1.00 13.04 ?  3   ALA B C   1 
ATOM   43 O O   . ALA B 1 3 ? 1.663  3.751   -0.284 1.00 12.94 ?  3   ALA B O   1 
ATOM   44 C CB  . ALA B 1 3 ? -0.513 1.761   1.042  1.00 12.97 ?  3   ALA B CB  1 
ATOM   45 N N   . ALA B 1 4 ? 0.227  4.842   1.061  1.00 13.36 ?  4   ALA B N   1 
ATOM   46 C CA  . ALA B 1 4 ? 1.201  5.847   1.486  1.00 13.83 ?  4   ALA B CA  1 
ATOM   47 C C   . ALA B 1 4 ? 0.801  6.486   2.834  1.00 14.17 ?  4   ALA B C   1 
ATOM   48 O O   . ALA B 1 4 ? -0.385 6.559   3.158  1.00 13.49 ?  4   ALA B O   1 
ATOM   49 C CB  . ALA B 1 4 ? 1.339  6.908   0.414  1.00 14.00 ?  4   ALA B CB  1 
ATOM   50 N N   . ALA B 1 5 ? 1.801  6.942   3.593  1.00 14.25 ?  5   ALA B N   1 
ATOM   51 C CA  . ALA B 1 5 ? 1.581  7.656   4.848  1.00 14.74 ?  5   ALA B CA  1 
ATOM   52 C C   . ALA B 1 5 ? 2.726  8.618   5.173  1.00 15.14 ?  5   ALA B C   1 
ATOM   53 O O   . ALA B 1 5 ? 3.862  8.403   4.769  1.00 15.21 ?  5   ALA B O   1 
ATOM   54 C CB  . ALA B 1 5 ? 1.414  6.665   5.989  1.00 15.18 ?  5   ALA B CB  1 
ATOM   55 N N   . ALA B 1 6 ? 2.417  9.668   5.929  1.00 15.79 ?  6   ALA B N   1 
ATOM   56 C CA  . ALA B 1 6 ? 3.413  10.671  6.312  1.00 16.54 ?  6   ALA B CA  1 
ATOM   57 C C   . ALA B 1 6 ? 2.963  11.452  7.527  1.00 17.07 ?  6   ALA B C   1 
ATOM   58 O O   . ALA B 1 6 ? 1.773  11.443  7.872  1.00 17.48 ?  6   ALA B O   1 
ATOM   59 C CB  . ALA B 1 6 ? 3.672  11.631  5.146  1.00 16.50 ?  6   ALA B CB  1 
ATOM   60 O OXT . ALA B 1 6 ? 3.794  12.103  8.174  1.00 17.92 ?  6   ALA B OXT 1 
HETATM 61 C C1  . MLI C 2 . ? -6.537 -14.353 -8.842 1.00 28.34 ?  101 MLI A C1  1 
HETATM 62 C C2  . MLI C 2 . ? -5.395 -13.475 -8.363 1.00 28.06 ?  101 MLI A C2  1 
HETATM 63 C C3  . MLI C 2 . ? -6.085 -15.706 -9.371 1.00 29.40 ?  101 MLI A C3  1 
HETATM 64 O O6  . MLI C 2 . ? -5.675 -12.542 -7.580 1.00 27.45 -1 101 MLI A O6  1 
HETATM 65 O O7  . MLI C 2 . ? -4.224 -13.685 -8.752 1.00 27.33 ?  101 MLI A O7  1 
HETATM 66 O O8  . MLI C 2 . ? -4.972 -15.816 -9.936 1.00 28.35 ?  101 MLI A O8  1 
HETATM 67 O O9  . MLI C 2 . ? -6.866 -16.679 -9.233 1.00 28.53 -1 101 MLI A O9  1 
HETATM 68 C C1  . MLI D 2 . ? -5.251 -6.308  -7.948 1.00 29.35 ?  102 MLI A C1  1 
HETATM 69 C C2  . MLI D 2 . ? -4.125 -5.506  -7.334 1.00 29.70 ?  102 MLI A C2  1 
HETATM 70 C C3  . MLI D 2 . ? -4.885 -7.731  -8.316 1.00 28.89 ?  102 MLI A C3  1 
HETATM 71 O O6  . MLI D 2 . ? -4.449 -4.652  -6.481 1.00 30.23 ?  102 MLI A O6  1 
HETATM 72 O O7  . MLI D 2 . ? -2.941 -5.696  -7.696 1.00 30.67 -1 102 MLI A O7  1 
HETATM 73 O O8  . MLI D 2 . ? -3.692 -8.105  -8.283 1.00 28.67 -1 102 MLI A O8  1 
HETATM 74 O O9  . MLI D 2 . ? -5.821 -8.492  -8.655 1.00 28.00 ?  102 MLI A O9  1 
# 
